data_6DXT
#
_entry.id   6DXT
#
_cell.length_a   61.090
_cell.length_b   85.440
_cell.length_c   59.740
_cell.angle_alpha   90.000
_cell.angle_beta   100.290
_cell.angle_gamma   90.000
#
_symmetry.space_group_name_H-M   'C 1 2 1'
#
loop_
_entity.id
_entity.type
_entity.pdbx_description
1 polymer 'Ubiquitin carboxyl-terminal hydrolase 5'
2 non-polymer '3-(5-phenyl-1,3,4-oxadiazol-2-yl)propanoic acid'
3 non-polymer 'UNKNOWN ATOM OR ION'
4 non-polymer 'ZINC ION'
5 non-polymer 1,2-ETHANEDIOL
6 water water
#
_entity_poly.entity_id   1
_entity_poly.type   'polypeptide(L)'
_entity_poly.pdbx_seq_one_letter_code
;GGEVRQVSKHAFSLKQLDNPARIPPCGWKCSKCDMRENLWLNLTDGSILCGRRYFDGSGGNNHAVEHYRETGYPLAVKLG
TITPDGADVYSYDEDDMVLDPSLAEHLSHFGIDMLKMQKTD
;
_entity_poly.pdbx_strand_id   A,B
#
loop_
_chem_comp.id
_chem_comp.type
_chem_comp.name
_chem_comp.formula
EDO non-polymer 1,2-ETHANEDIOL 'C2 H6 O2'
HHY non-polymer '3-(5-phenyl-1,3,4-oxadiazol-2-yl)propanoic acid' 'C11 H10 N2 O3'
UNX non-polymer 'UNKNOWN ATOM OR ION' ?
ZN non-polymer 'ZINC ION' 'Zn 2'
#
# COMPACT_ATOMS: atom_id res chain seq x y z
N VAL A 4 4.06 -30.56 -9.79
CA VAL A 4 4.78 -29.92 -8.65
C VAL A 4 5.73 -28.88 -9.23
N ARG A 5 5.97 -27.79 -8.50
CA ARG A 5 6.96 -26.79 -8.98
C ARG A 5 8.39 -27.22 -8.64
N GLN A 6 9.23 -27.27 -9.68
CA GLN A 6 10.61 -27.65 -9.59
C GLN A 6 11.47 -26.41 -9.33
N VAL A 7 12.65 -26.65 -8.76
CA VAL A 7 13.61 -25.64 -8.48
C VAL A 7 14.08 -25.05 -9.81
N SER A 8 14.00 -23.72 -9.91
CA SER A 8 14.62 -23.05 -11.04
C SER A 8 16.14 -23.24 -10.99
N LYS A 9 16.73 -23.50 -12.15
CA LYS A 9 18.20 -23.59 -12.29
C LYS A 9 18.84 -22.20 -12.11
N HIS A 10 18.04 -21.13 -12.17
CA HIS A 10 18.57 -19.76 -11.99
C HIS A 10 18.61 -19.34 -10.51
N ALA A 11 17.92 -20.07 -9.63
CA ALA A 11 17.58 -19.57 -8.30
C ALA A 11 18.86 -19.36 -7.47
N PHE A 12 19.75 -20.36 -7.46
CA PHE A 12 20.87 -20.37 -6.51
C PHE A 12 21.79 -19.16 -6.75
N SER A 13 22.14 -18.87 -8.00
CA SER A 13 23.12 -17.82 -8.30
C SER A 13 22.48 -16.64 -9.07
N LEU A 14 21.18 -16.42 -8.91
CA LEU A 14 20.52 -15.27 -9.51
C LEU A 14 21.27 -13.95 -9.20
N LYS A 15 21.52 -13.17 -10.25
CA LYS A 15 22.03 -11.77 -10.17
C LYS A 15 20.89 -10.87 -9.74
N GLN A 16 21.16 -10.04 -8.75
CA GLN A 16 20.30 -8.97 -8.35
C GLN A 16 21.14 -7.68 -8.42
N LEU A 17 20.65 -6.67 -9.15
CA LEU A 17 21.41 -5.40 -9.37
C LEU A 17 21.45 -4.59 -8.06
N ASP A 18 22.57 -3.87 -7.87
CA ASP A 18 22.74 -2.93 -6.78
C ASP A 18 21.73 -1.78 -6.92
N ASN A 19 21.58 -1.06 -5.82
CA ASN A 19 20.70 0.12 -5.69
C ASN A 19 19.26 -0.22 -6.11
N PRO A 20 18.68 -1.32 -5.62
CA PRO A 20 17.28 -1.64 -5.89
C PRO A 20 16.31 -0.61 -5.30
N ALA A 21 15.13 -0.51 -5.91
CA ALA A 21 14.01 0.25 -5.34
C ALA A 21 13.51 -0.49 -4.10
N ARG A 22 12.89 0.24 -3.17
CA ARG A 22 12.12 -0.35 -2.10
C ARG A 22 10.73 -0.61 -2.71
N ILE A 23 10.36 -1.88 -2.76
CA ILE A 23 9.12 -2.25 -3.40
C ILE A 23 8.05 -2.24 -2.32
N PRO A 24 6.95 -1.46 -2.50
CA PRO A 24 5.92 -1.36 -1.46
C PRO A 24 5.06 -2.62 -1.33
N PRO A 25 4.29 -2.76 -0.22
CA PRO A 25 3.50 -3.96 -0.01
C PRO A 25 2.15 -3.93 -0.74
N CYS A 26 1.83 -2.85 -1.44
CA CYS A 26 0.57 -2.70 -2.16
C CYS A 26 0.65 -1.52 -3.13
N GLY A 27 -0.37 -1.42 -4.01
CA GLY A 27 -0.71 -0.23 -4.81
C GLY A 27 0.10 -0.12 -6.10
N TRP A 28 0.71 -1.23 -6.57
CA TRP A 28 1.64 -1.16 -7.70
C TRP A 28 0.88 -0.89 -9.00
N LYS A 29 1.63 -0.48 -10.02
CA LYS A 29 1.11 -0.42 -11.37
C LYS A 29 2.19 -0.84 -12.37
N CYS A 30 1.77 -1.38 -13.51
CA CYS A 30 2.70 -1.61 -14.61
C CYS A 30 3.40 -0.28 -14.96
N SER A 31 4.73 -0.30 -15.09
CA SER A 31 5.40 0.97 -15.42
C SER A 31 5.19 1.35 -16.90
N LYS A 32 4.60 0.45 -17.70
CA LYS A 32 4.38 0.72 -19.14
C LYS A 32 2.90 0.91 -19.50
N CYS A 33 1.97 0.72 -18.58
CA CYS A 33 0.54 0.86 -18.91
C CYS A 33 -0.28 1.04 -17.63
N ASP A 34 -1.61 1.02 -17.73
CA ASP A 34 -2.52 1.32 -16.61
C ASP A 34 -2.80 0.07 -15.73
N MET A 35 -2.28 -1.12 -16.06
CA MET A 35 -2.62 -2.36 -15.34
C MET A 35 -2.22 -2.27 -13.87
N ARG A 36 -3.15 -2.64 -13.00
CA ARG A 36 -2.90 -2.74 -11.58
C ARG A 36 -3.13 -4.18 -11.12
N GLU A 37 -3.50 -5.05 -12.05
CA GLU A 37 -3.70 -6.46 -11.81
C GLU A 37 -2.57 -7.18 -12.54
N ASN A 38 -2.21 -8.38 -12.11
CA ASN A 38 -1.41 -9.29 -12.92
C ASN A 38 -0.02 -8.68 -13.20
N LEU A 39 0.59 -8.18 -12.13
CA LEU A 39 1.86 -7.49 -12.15
C LEU A 39 2.97 -8.44 -11.67
N TRP A 40 4.13 -8.38 -12.35
CA TRP A 40 5.27 -9.23 -12.06
C TRP A 40 6.47 -8.35 -11.66
N LEU A 41 7.09 -8.65 -10.52
CA LEU A 41 8.32 -8.01 -10.04
C LEU A 41 9.50 -8.86 -10.49
N ASN A 42 10.33 -8.31 -11.38
CA ASN A 42 11.45 -9.02 -11.85
C ASN A 42 12.49 -9.09 -10.71
N LEU A 43 12.95 -10.30 -10.37
CA LEU A 43 13.80 -10.46 -9.19
C LEU A 43 15.22 -9.98 -9.45
N THR A 44 15.59 -9.74 -10.71
CA THR A 44 16.93 -9.15 -10.97
C THR A 44 16.90 -7.62 -10.83
N ASP A 45 15.95 -6.92 -11.46
CA ASP A 45 16.05 -5.46 -11.56
C ASP A 45 14.91 -4.71 -10.87
N GLY A 46 13.94 -5.46 -10.32
CA GLY A 46 12.84 -4.85 -9.60
C GLY A 46 11.84 -4.15 -10.48
N SER A 47 11.91 -4.32 -11.81
CA SER A 47 10.90 -3.79 -12.70
C SER A 47 9.53 -4.37 -12.31
N ILE A 48 8.46 -3.59 -12.50
CA ILE A 48 7.10 -4.02 -12.20
C ILE A 48 6.31 -3.89 -13.50
N LEU A 49 5.91 -5.04 -14.06
CA LEU A 49 5.34 -5.08 -15.42
C LEU A 49 4.24 -6.14 -15.51
N CYS A 50 3.28 -5.90 -16.41
CA CYS A 50 2.09 -6.73 -16.52
C CYS A 50 2.37 -8.04 -17.29
N GLY A 51 1.53 -9.04 -17.01
CA GLY A 51 1.65 -10.42 -17.57
C GLY A 51 1.21 -10.50 -19.02
N ARG A 52 1.41 -11.68 -19.64
CA ARG A 52 1.18 -11.83 -21.08
C ARG A 52 -0.32 -11.69 -21.33
N ARG A 53 -0.65 -11.24 -22.54
CA ARG A 53 -1.95 -11.40 -23.12
C ARG A 53 -2.14 -12.88 -23.49
N TYR A 54 -3.18 -13.50 -22.95
CA TYR A 54 -3.49 -14.87 -23.36
C TYR A 54 -4.23 -14.83 -24.70
N PHE A 55 -4.26 -15.98 -25.39
CA PHE A 55 -4.83 -16.08 -26.72
C PHE A 55 -6.35 -15.87 -26.66
N ASP A 56 -6.95 -16.08 -25.49
CA ASP A 56 -8.42 -15.91 -25.35
C ASP A 56 -8.77 -14.44 -25.11
N GLY A 57 -7.77 -13.54 -25.06
CA GLY A 57 -7.97 -12.09 -24.79
C GLY A 57 -7.76 -11.69 -23.34
N SER A 58 -7.61 -12.66 -22.43
CA SER A 58 -7.41 -12.35 -21.00
C SER A 58 -5.95 -11.97 -20.76
N GLY A 59 -5.68 -11.50 -19.53
CA GLY A 59 -4.31 -11.23 -19.03
C GLY A 59 -3.89 -9.81 -19.31
N GLY A 60 -2.57 -9.58 -19.34
CA GLY A 60 -2.02 -8.23 -19.41
C GLY A 60 -1.68 -7.80 -20.81
N ASN A 61 -0.71 -6.88 -20.90
CA ASN A 61 -0.35 -6.22 -22.13
C ASN A 61 1.09 -6.60 -22.56
N ASN A 62 1.57 -7.73 -22.06
CA ASN A 62 2.82 -8.40 -22.48
C ASN A 62 4.08 -7.64 -22.01
N HIS A 63 3.95 -6.70 -21.09
CA HIS A 63 5.09 -5.80 -20.83
C HIS A 63 6.22 -6.56 -20.11
N ALA A 64 5.88 -7.45 -19.18
CA ALA A 64 6.92 -8.24 -18.51
C ALA A 64 7.70 -9.10 -19.52
N VAL A 65 7.00 -9.76 -20.45
CA VAL A 65 7.72 -10.64 -21.38
C VAL A 65 8.55 -9.82 -22.35
N GLU A 66 8.06 -8.64 -22.76
CA GLU A 66 8.81 -7.78 -23.64
C GLU A 66 10.13 -7.35 -22.95
N HIS A 67 10.03 -7.13 -21.65
CA HIS A 67 11.19 -6.73 -20.86
C HIS A 67 12.19 -7.90 -20.77
N TYR A 68 11.67 -9.12 -20.60
CA TYR A 68 12.52 -10.30 -20.56
C TYR A 68 13.26 -10.47 -21.89
N ARG A 69 12.56 -10.26 -23.01
CA ARG A 69 13.20 -10.39 -24.33
C ARG A 69 14.39 -9.42 -24.43
N GLU A 70 14.29 -8.23 -23.84
CA GLU A 70 15.38 -7.22 -23.86
C GLU A 70 16.52 -7.54 -22.87
N THR A 71 16.21 -8.11 -21.69
CA THR A 71 17.18 -8.20 -20.59
C THR A 71 17.74 -9.61 -20.37
N GLY A 72 16.97 -10.63 -20.66
CA GLY A 72 17.36 -11.99 -20.31
C GLY A 72 17.19 -12.30 -18.83
N TYR A 73 16.57 -11.41 -18.04
CA TYR A 73 16.42 -11.63 -16.58
C TYR A 73 15.26 -12.58 -16.33
N PRO A 74 15.52 -13.86 -15.96
CA PRO A 74 14.50 -14.91 -16.05
C PRO A 74 13.40 -15.05 -14.98
N LEU A 75 13.66 -14.63 -13.73
CA LEU A 75 12.74 -14.93 -12.62
C LEU A 75 11.95 -13.67 -12.25
N ALA A 76 10.64 -13.84 -12.07
CA ALA A 76 9.79 -12.80 -11.58
C ALA A 76 8.78 -13.42 -10.60
N VAL A 77 8.34 -12.61 -9.64
CA VAL A 77 7.38 -13.03 -8.64
C VAL A 77 6.07 -12.25 -8.90
N LYS A 78 4.92 -12.96 -8.87
CA LYS A 78 3.63 -12.29 -9.07
C LYS A 78 3.27 -11.49 -7.82
N LEU A 79 3.12 -10.18 -7.99
CA LEU A 79 2.85 -9.34 -6.86
C LEU A 79 1.43 -9.64 -6.38
N GLY A 80 1.24 -9.59 -5.05
CA GLY A 80 -0.03 -9.97 -4.45
C GLY A 80 -0.14 -11.45 -4.12
N THR A 81 0.90 -12.24 -4.40
CA THR A 81 0.93 -13.67 -4.04
C THR A 81 2.00 -13.97 -2.99
N ILE A 82 2.67 -12.94 -2.44
CA ILE A 82 3.74 -13.18 -1.53
C ILE A 82 3.13 -13.34 -0.13
N THR A 83 3.42 -14.46 0.52
CA THR A 83 2.95 -14.71 1.87
C THR A 83 4.11 -15.29 2.64
N PRO A 84 3.98 -15.46 3.97
CA PRO A 84 4.99 -16.21 4.73
C PRO A 84 5.29 -17.64 4.24
N ASP A 85 4.37 -18.25 3.47
CA ASP A 85 4.54 -19.65 2.97
C ASP A 85 5.18 -19.71 1.57
N GLY A 86 5.48 -18.56 0.95
CA GLY A 86 6.06 -18.52 -0.40
C GLY A 86 5.36 -17.51 -1.30
N ALA A 87 5.34 -17.81 -2.61
CA ALA A 87 4.85 -16.90 -3.63
C ALA A 87 4.81 -17.64 -4.98
N ASP A 88 4.16 -16.99 -5.96
CA ASP A 88 4.12 -17.48 -7.31
C ASP A 88 5.32 -16.91 -8.08
N VAL A 89 6.26 -17.80 -8.42
CA VAL A 89 7.50 -17.39 -9.08
C VAL A 89 7.53 -18.05 -10.44
N TYR A 90 7.81 -17.22 -11.47
CA TYR A 90 7.84 -17.70 -12.87
C TYR A 90 9.25 -17.50 -13.44
N SER A 91 9.66 -18.45 -14.31
CA SER A 91 10.88 -18.41 -15.05
C SER A 91 10.56 -18.29 -16.55
N TYR A 92 10.95 -17.17 -17.15
CA TYR A 92 10.78 -16.94 -18.58
C TYR A 92 11.57 -17.98 -19.39
N ASP A 93 12.76 -18.29 -18.89
CA ASP A 93 13.71 -19.21 -19.53
C ASP A 93 13.17 -20.65 -19.53
N GLU A 94 12.66 -21.10 -18.38
CA GLU A 94 12.22 -22.49 -18.24
C GLU A 94 10.77 -22.62 -18.69
N ASP A 95 10.15 -21.44 -18.90
CA ASP A 95 8.79 -21.24 -19.24
C ASP A 95 7.87 -22.08 -18.35
N ASP A 96 7.90 -21.79 -17.04
CA ASP A 96 7.06 -22.45 -16.07
C ASP A 96 7.11 -21.73 -14.72
N MET A 97 6.10 -22.00 -13.90
CA MET A 97 6.16 -21.67 -12.50
C MET A 97 7.23 -22.55 -11.86
N VAL A 98 8.02 -21.96 -10.94
CA VAL A 98 9.20 -22.62 -10.40
C VAL A 98 9.30 -22.31 -8.91
N LEU A 99 10.16 -23.08 -8.25
CA LEU A 99 10.56 -22.85 -6.91
C LEU A 99 11.89 -22.09 -6.91
N ASP A 100 11.94 -21.08 -6.06
CA ASP A 100 13.13 -20.31 -5.79
C ASP A 100 13.51 -20.56 -4.33
N PRO A 101 14.40 -21.51 -4.02
CA PRO A 101 14.75 -21.78 -2.62
C PRO A 101 15.42 -20.58 -1.95
N SER A 102 15.88 -19.58 -2.71
CA SER A 102 16.45 -18.34 -2.15
C SER A 102 15.45 -17.18 -2.19
N LEU A 103 14.15 -17.46 -2.23
CA LEU A 103 13.14 -16.42 -2.41
C LEU A 103 13.20 -15.38 -1.30
N ALA A 104 13.33 -15.84 -0.04
CA ALA A 104 13.35 -14.89 1.11
C ALA A 104 14.45 -13.85 0.88
N GLU A 105 15.64 -14.34 0.54
CA GLU A 105 16.81 -13.51 0.27
C GLU A 105 16.52 -12.57 -0.92
N HIS A 106 15.94 -13.12 -1.99
CA HIS A 106 15.68 -12.35 -3.23
C HIS A 106 14.71 -11.21 -2.93
N LEU A 107 13.72 -11.45 -2.05
CA LEU A 107 12.73 -10.44 -1.74
C LEU A 107 13.30 -9.39 -0.76
N SER A 108 14.13 -9.82 0.19
CA SER A 108 14.83 -8.91 1.11
C SER A 108 15.64 -7.86 0.35
N HIS A 109 16.22 -8.24 -0.80
CA HIS A 109 16.91 -7.32 -1.70
C HIS A 109 16.08 -6.05 -1.93
N PHE A 110 14.76 -6.20 -2.06
CA PHE A 110 13.80 -5.12 -2.41
C PHE A 110 13.08 -4.54 -1.18
N GLY A 111 13.58 -4.87 0.01
CA GLY A 111 12.94 -4.51 1.31
C GLY A 111 11.61 -5.19 1.52
N ILE A 112 11.44 -6.41 0.99
CA ILE A 112 10.22 -7.18 1.17
C ILE A 112 10.51 -8.23 2.24
N ASP A 113 9.78 -8.17 3.35
CA ASP A 113 9.81 -9.20 4.40
C ASP A 113 8.58 -10.07 4.19
N MET A 114 8.79 -11.28 3.66
CA MET A 114 7.65 -12.08 3.29
C MET A 114 6.88 -12.49 4.58
N LEU A 115 7.60 -12.61 5.70
CA LEU A 115 7.04 -12.99 7.02
C LEU A 115 6.31 -11.81 7.67
N VAL B 4 -25.09 20.29 5.80
CA VAL B 4 -25.30 19.52 7.07
C VAL B 4 -23.98 19.33 7.85
N ARG B 5 -22.81 19.59 7.22
CA ARG B 5 -21.48 19.57 7.92
C ARG B 5 -20.92 21.00 8.07
N GLN B 6 -20.57 21.35 9.30
CA GLN B 6 -19.96 22.63 9.62
C GLN B 6 -18.44 22.54 9.43
N VAL B 7 -17.81 23.70 9.23
CA VAL B 7 -16.39 23.87 9.21
C VAL B 7 -15.86 23.74 10.64
N SER B 8 -14.86 22.87 10.86
CA SER B 8 -14.33 22.67 12.22
C SER B 8 -13.63 23.94 12.70
N LYS B 9 -13.76 24.19 14.01
CA LYS B 9 -13.10 25.28 14.66
C LYS B 9 -11.57 25.10 14.62
N HIS B 10 -11.11 23.86 14.35
CA HIS B 10 -9.70 23.53 14.42
C HIS B 10 -9.02 23.58 13.05
N ALA B 11 -9.79 23.75 11.97
CA ALA B 11 -9.35 23.42 10.61
C ALA B 11 -8.26 24.39 10.12
N PHE B 12 -8.45 25.68 10.40
CA PHE B 12 -7.52 26.67 9.89
C PHE B 12 -6.26 26.71 10.77
N SER B 13 -6.42 26.59 12.09
CA SER B 13 -5.31 26.74 13.01
C SER B 13 -4.61 25.41 13.34
N LEU B 14 -5.01 24.27 12.74
CA LEU B 14 -4.50 22.94 13.18
C LEU B 14 -2.96 22.91 13.20
N LYS B 15 -2.37 22.57 14.37
CA LYS B 15 -0.92 22.35 14.50
C LYS B 15 -0.64 20.89 14.13
N GLN B 16 0.24 20.69 13.16
CA GLN B 16 0.70 19.38 12.76
C GLN B 16 2.16 19.21 13.22
N LEU B 17 2.48 18.06 13.80
CA LEU B 17 3.78 17.84 14.42
C LEU B 17 4.87 17.71 13.36
N ASP B 18 6.11 18.03 13.74
CA ASP B 18 7.28 17.74 12.92
C ASP B 18 7.48 16.24 12.71
N ASN B 19 8.28 15.93 11.69
CA ASN B 19 8.76 14.58 11.41
C ASN B 19 7.59 13.65 11.10
N PRO B 20 6.63 14.10 10.29
CA PRO B 20 5.48 13.25 9.97
C PRO B 20 5.89 12.04 9.13
N ALA B 21 5.15 10.95 9.28
CA ALA B 21 5.26 9.85 8.37
C ALA B 21 4.81 10.29 6.98
N ARG B 22 5.41 9.64 5.98
CA ARG B 22 4.80 9.52 4.65
C ARG B 22 3.77 8.40 4.75
N ILE B 23 2.50 8.80 4.62
CA ILE B 23 1.42 7.85 4.73
C ILE B 23 1.19 7.22 3.36
N PRO B 24 1.21 5.88 3.23
CA PRO B 24 1.13 5.25 1.92
C PRO B 24 -0.27 5.35 1.34
N PRO B 25 -0.42 5.04 0.04
CA PRO B 25 -1.72 5.14 -0.63
C PRO B 25 -2.66 3.95 -0.42
N CYS B 26 -2.24 2.98 0.39
CA CYS B 26 -2.95 1.73 0.53
C CYS B 26 -2.32 0.92 1.68
N GLY B 27 -2.98 -0.17 2.03
CA GLY B 27 -2.44 -1.23 2.90
C GLY B 27 -2.39 -0.86 4.39
N TRP B 28 -3.18 0.12 4.81
CA TRP B 28 -3.04 0.60 6.19
C TRP B 28 -3.59 -0.45 7.17
N LYS B 29 -3.05 -0.39 8.40
CA LYS B 29 -3.47 -1.21 9.48
C LYS B 29 -3.55 -0.32 10.72
N CYS B 30 -4.46 -0.64 11.66
CA CYS B 30 -4.40 0.03 12.96
C CYS B 30 -3.03 -0.21 13.61
N SER B 31 -2.41 0.84 14.16
CA SER B 31 -1.15 0.73 14.87
C SER B 31 -1.25 -0.26 16.05
N LYS B 32 -2.43 -0.40 16.64
CA LYS B 32 -2.62 -1.04 17.96
C LYS B 32 -3.28 -2.42 17.82
N CYS B 33 -3.83 -2.75 16.64
CA CYS B 33 -4.48 -4.07 16.44
C CYS B 33 -4.50 -4.47 14.96
N ASP B 34 -5.25 -5.53 14.64
CA ASP B 34 -5.29 -6.16 13.30
C ASP B 34 -6.26 -5.47 12.33
N MET B 35 -7.08 -4.50 12.81
CA MET B 35 -8.13 -3.88 12.00
C MET B 35 -7.48 -3.34 10.70
N ARG B 36 -8.07 -3.67 9.56
CA ARG B 36 -7.64 -3.09 8.26
C ARG B 36 -8.76 -2.22 7.67
N GLU B 37 -9.87 -2.07 8.39
CA GLU B 37 -11.03 -1.27 8.02
C GLU B 37 -11.36 -0.31 9.17
N ASN B 38 -12.24 0.66 8.93
CA ASN B 38 -12.70 1.61 9.94
C ASN B 38 -11.48 2.31 10.56
N LEU B 39 -10.51 2.70 9.73
CA LEU B 39 -9.22 3.31 10.22
C LEU B 39 -9.25 4.83 10.05
N TRP B 40 -8.69 5.54 11.03
CA TRP B 40 -8.73 6.97 11.06
C TRP B 40 -7.29 7.48 11.17
N LEU B 41 -6.97 8.42 10.27
CA LEU B 41 -5.69 9.09 10.26
C LEU B 41 -5.78 10.41 11.02
N ASN B 42 -5.09 10.50 12.14
CA ASN B 42 -5.09 11.71 12.93
C ASN B 42 -4.29 12.76 12.19
N LEU B 43 -4.90 13.93 11.94
CA LEU B 43 -4.26 14.99 11.15
C LEU B 43 -3.13 15.69 11.94
N THR B 44 -3.06 15.55 13.26
CA THR B 44 -1.96 16.16 14.01
C THR B 44 -0.66 15.33 13.92
N ASP B 45 -0.75 14.02 14.18
CA ASP B 45 0.44 13.20 14.38
C ASP B 45 0.58 12.05 13.37
N GLY B 46 -0.38 11.90 12.45
CA GLY B 46 -0.34 10.83 11.42
C GLY B 46 -0.53 9.41 11.94
N SER B 47 -0.95 9.25 13.19
CA SER B 47 -1.34 7.98 13.70
C SER B 47 -2.53 7.43 12.91
N ILE B 48 -2.49 6.12 12.66
CA ILE B 48 -3.59 5.38 11.98
C ILE B 48 -4.16 4.43 13.02
N LEU B 49 -5.43 4.64 13.40
CA LEU B 49 -6.04 3.92 14.54
C LEU B 49 -7.52 3.63 14.21
N CYS B 50 -8.04 2.52 14.75
CA CYS B 50 -9.36 2.04 14.41
C CYS B 50 -10.45 2.84 15.13
N GLY B 51 -11.64 2.76 14.53
CA GLY B 51 -12.85 3.44 15.00
C GLY B 51 -13.45 2.80 16.23
N ARG B 52 -14.44 3.49 16.79
CA ARG B 52 -15.05 3.09 18.02
C ARG B 52 -15.91 1.85 17.76
N ARG B 53 -16.03 1.05 18.82
CA ARG B 53 -16.88 -0.09 18.83
C ARG B 53 -18.31 0.39 19.10
N TYR B 54 -19.28 -0.04 18.29
CA TYR B 54 -20.69 0.26 18.52
C TYR B 54 -21.36 -0.92 19.25
N PHE B 55 -22.48 -0.61 19.91
CA PHE B 55 -23.24 -1.61 20.71
C PHE B 55 -23.69 -2.82 19.84
N ASP B 56 -23.90 -2.61 18.55
CA ASP B 56 -24.33 -3.68 17.60
C ASP B 56 -23.14 -4.52 17.14
N GLY B 57 -21.94 -4.22 17.62
CA GLY B 57 -20.73 -4.97 17.30
C GLY B 57 -20.02 -4.46 16.05
N SER B 58 -20.60 -3.50 15.34
CA SER B 58 -19.93 -2.87 14.23
C SER B 58 -18.82 -1.94 14.75
N GLY B 59 -17.98 -1.46 13.83
CA GLY B 59 -16.93 -0.47 14.13
C GLY B 59 -15.64 -1.14 14.51
N GLY B 60 -14.73 -0.43 15.18
CA GLY B 60 -13.44 -1.04 15.53
C GLY B 60 -13.30 -1.33 17.02
N ASN B 61 -12.07 -1.10 17.51
CA ASN B 61 -11.61 -1.45 18.83
C ASN B 61 -11.25 -0.21 19.65
N ASN B 62 -11.80 0.96 19.28
CA ASN B 62 -11.72 2.21 20.04
C ASN B 62 -10.28 2.74 20.11
N HIS B 63 -9.38 2.32 19.23
CA HIS B 63 -7.99 2.81 19.40
C HIS B 63 -7.87 4.30 19.06
N ALA B 64 -8.60 4.80 18.06
CA ALA B 64 -8.54 6.24 17.71
C ALA B 64 -9.07 7.11 18.84
N VAL B 65 -10.18 6.73 19.47
CA VAL B 65 -10.76 7.58 20.51
C VAL B 65 -9.91 7.51 21.78
N GLU B 66 -9.32 6.35 22.06
CA GLU B 66 -8.39 6.22 23.17
C GLU B 66 -7.22 7.18 22.99
N HIS B 67 -6.77 7.29 21.75
CA HIS B 67 -5.64 8.16 21.43
C HIS B 67 -6.03 9.62 21.58
N TYR B 68 -7.27 9.96 21.23
CA TYR B 68 -7.76 11.31 21.47
C TYR B 68 -7.77 11.61 22.98
N ARG B 69 -8.23 10.63 23.77
CA ARG B 69 -8.32 10.80 25.21
C ARG B 69 -6.91 11.12 25.74
N GLU B 70 -5.91 10.46 25.18
CA GLU B 70 -4.55 10.64 25.61
C GLU B 70 -3.96 11.97 25.14
N THR B 71 -4.20 12.37 23.87
CA THR B 71 -3.40 13.45 23.24
C THR B 71 -4.15 14.77 23.17
N GLY B 72 -5.48 14.69 23.04
CA GLY B 72 -6.30 15.84 22.73
C GLY B 72 -6.26 16.26 21.26
N TYR B 73 -5.63 15.46 20.37
CA TYR B 73 -5.55 15.86 18.96
C TYR B 73 -6.89 15.64 18.28
N PRO B 74 -7.58 16.71 17.87
CA PRO B 74 -9.02 16.64 17.59
C PRO B 74 -9.53 16.12 16.24
N LEU B 75 -8.76 16.29 15.16
CA LEU B 75 -9.26 15.95 13.83
C LEU B 75 -8.62 14.68 13.29
N ALA B 76 -9.44 13.85 12.63
CA ALA B 76 -9.01 12.65 11.95
C ALA B 76 -9.85 12.44 10.68
N VAL B 77 -9.23 11.84 9.65
N VAL B 77 -9.24 11.79 9.69
CA VAL B 77 -9.83 11.61 8.35
CA VAL B 77 -9.76 11.53 8.37
C VAL B 77 -9.92 10.08 8.16
C VAL B 77 -9.95 10.01 8.24
N LYS B 78 -11.07 9.59 7.67
CA LYS B 78 -11.31 8.15 7.51
C LYS B 78 -10.55 7.66 6.27
N LEU B 79 -9.61 6.73 6.47
CA LEU B 79 -8.86 6.21 5.35
C LEU B 79 -9.80 5.36 4.48
N GLY B 80 -9.58 5.41 3.16
CA GLY B 80 -10.51 4.75 2.20
C GLY B 80 -11.58 5.70 1.68
N THR B 81 -11.71 6.90 2.28
CA THR B 81 -12.71 7.90 1.87
C THR B 81 -12.05 9.04 1.11
N ILE B 82 -10.72 9.05 1.00
CA ILE B 82 -10.01 10.19 0.46
C ILE B 82 -10.09 10.10 -1.07
N THR B 83 -10.67 11.14 -1.69
CA THR B 83 -10.64 11.27 -3.16
C THR B 83 -10.38 12.73 -3.55
N PRO B 84 -10.24 13.06 -4.86
CA PRO B 84 -10.11 14.46 -5.27
C PRO B 84 -11.28 15.30 -4.74
N ASP B 85 -12.44 14.66 -4.56
CA ASP B 85 -13.70 15.35 -4.22
C ASP B 85 -13.90 15.46 -2.71
N GLY B 86 -12.97 14.92 -1.90
CA GLY B 86 -13.00 15.13 -0.45
C GLY B 86 -12.74 13.84 0.32
N ALA B 87 -13.20 13.86 1.58
CA ALA B 87 -12.97 12.81 2.54
C ALA B 87 -13.90 12.99 3.74
N ASP B 88 -14.02 11.94 4.54
CA ASP B 88 -14.81 11.95 5.78
C ASP B 88 -13.88 12.41 6.92
N VAL B 89 -14.15 13.61 7.48
CA VAL B 89 -13.38 14.22 8.57
C VAL B 89 -14.25 14.32 9.83
N TYR B 90 -13.69 13.80 10.92
CA TYR B 90 -14.34 13.77 12.23
C TYR B 90 -13.55 14.59 13.24
N SER B 91 -14.27 15.39 14.03
CA SER B 91 -13.76 16.11 15.16
C SER B 91 -14.20 15.41 16.44
N TYR B 92 -13.22 15.05 17.28
CA TYR B 92 -13.45 14.41 18.54
C TYR B 92 -14.04 15.39 19.56
N ASP B 93 -13.56 16.63 19.59
CA ASP B 93 -14.07 17.52 20.65
C ASP B 93 -15.36 18.21 20.20
N GLU B 94 -15.61 18.31 18.88
CA GLU B 94 -16.89 18.83 18.39
C GLU B 94 -17.91 17.68 18.28
N ASP B 95 -17.42 16.44 18.42
CA ASP B 95 -18.17 15.17 18.28
C ASP B 95 -19.11 15.20 17.07
N ASP B 96 -18.53 15.49 15.90
CA ASP B 96 -19.28 15.58 14.68
C ASP B 96 -18.37 15.34 13.49
N MET B 97 -18.95 14.86 12.39
CA MET B 97 -18.34 14.98 11.08
C MET B 97 -18.26 16.47 10.75
N VAL B 98 -17.15 16.90 10.13
CA VAL B 98 -16.84 18.30 9.96
C VAL B 98 -16.21 18.47 8.58
N LEU B 99 -16.18 19.74 8.16
CA LEU B 99 -15.42 20.19 6.99
C LEU B 99 -14.05 20.72 7.43
N ASP B 100 -13.04 20.33 6.65
CA ASP B 100 -11.70 20.86 6.79
C ASP B 100 -11.35 21.51 5.45
N PRO B 101 -11.50 22.85 5.29
CA PRO B 101 -11.25 23.50 3.98
C PRO B 101 -9.75 23.44 3.63
N SER B 102 -8.88 23.29 4.64
CA SER B 102 -7.46 23.15 4.46
C SER B 102 -7.02 21.67 4.33
N LEU B 103 -7.96 20.75 4.12
CA LEU B 103 -7.70 19.30 4.09
C LEU B 103 -6.53 18.96 3.16
N ALA B 104 -6.43 19.60 1.98
CA ALA B 104 -5.41 19.21 1.00
C ALA B 104 -4.01 19.43 1.58
N GLU B 105 -3.85 20.56 2.27
N GLU B 105 -3.83 20.53 2.33
CA GLU B 105 -2.65 20.94 2.93
CA GLU B 105 -2.54 20.89 2.89
C GLU B 105 -2.35 19.91 4.03
C GLU B 105 -2.28 20.13 4.20
N HIS B 106 -3.34 19.70 4.90
CA HIS B 106 -3.17 18.82 6.07
C HIS B 106 -2.67 17.43 5.63
N LEU B 107 -3.18 16.93 4.52
CA LEU B 107 -2.82 15.63 3.97
C LEU B 107 -1.45 15.69 3.29
N SER B 108 -1.14 16.82 2.66
CA SER B 108 0.16 17.06 2.06
C SER B 108 1.28 16.97 3.11
N HIS B 109 1.02 17.38 4.36
CA HIS B 109 1.96 17.17 5.48
C HIS B 109 2.46 15.72 5.53
N PHE B 110 1.63 14.76 5.12
CA PHE B 110 1.96 13.34 5.23
C PHE B 110 2.36 12.75 3.88
N GLY B 111 2.61 13.61 2.89
CA GLY B 111 2.94 13.17 1.53
C GLY B 111 1.74 12.56 0.79
N ILE B 112 0.50 12.85 1.22
CA ILE B 112 -0.67 12.26 0.58
C ILE B 112 -1.09 13.15 -0.60
N ASP B 113 -1.24 12.53 -1.76
CA ASP B 113 -1.81 13.12 -2.98
C ASP B 113 -3.24 12.60 -3.11
N MET B 114 -4.21 13.50 -2.99
CA MET B 114 -5.60 13.11 -2.87
C MET B 114 -6.09 12.36 -4.12
N LEU B 115 -5.35 12.46 -5.23
CA LEU B 115 -5.68 11.70 -6.45
C LEU B 115 -5.18 10.25 -6.35
N LYS B 116 -4.15 10.00 -5.52
CA LYS B 116 -3.54 8.68 -5.38
C LYS B 116 -3.70 8.18 -3.92
N MET B 117 -4.93 7.75 -3.59
CA MET B 117 -5.27 7.15 -2.30
C MET B 117 -6.34 6.05 -2.52
N GLN B 118 -6.04 4.81 -2.12
CA GLN B 118 -6.91 3.63 -2.37
C GLN B 118 -8.34 3.89 -1.88
O1 HHY C . 4.86 -12.28 -18.49
C1 HHY C . 3.97 -15.02 -16.20
O2 HHY C . 2.94 -13.29 -18.09
C2 HHY C . 3.74 -16.15 -17.15
C3 HHY C . 3.09 -18.08 -17.77
N1 HHY C . 3.59 -17.51 -18.81
C4 HHY C . 2.81 -19.50 -17.55
C5 HHY C . 3.33 -20.46 -18.43
C6 HHY C . 3.21 -21.80 -18.13
C7 HHY C . 2.55 -22.21 -16.98
C8 HHY C . 1.99 -21.27 -16.14
C9 HHY C . 2.12 -19.92 -16.42
C10 HHY C . 4.16 -13.09 -17.86
C HHY C . 4.82 -13.90 -16.77
O HHY C . 3.14 -17.27 -16.67
N HHY C . 4.02 -16.24 -18.39
UNK UNX D . 10.36 -8.93 -16.95
UNK UNX E . -2.86 -7.92 -8.36
ZN ZN F . 1.76 -3.15 -18.87
C1 EDO G . 5.22 11.53 14.08
O1 EDO G . 6.64 11.59 13.94
C2 EDO G . 4.58 12.89 14.29
O2 EDO G . 4.67 13.75 13.13
C1 EDO H . -9.47 1.82 6.32
O1 EDO H . -10.64 2.57 6.75
C2 EDO H . -9.47 1.36 4.85
O2 EDO H . -10.71 0.73 4.48
ZN ZN I . -7.18 -0.88 16.64
#